data_5C6K
#
_entry.id   5C6K
#
_cell.length_a   215.004
_cell.length_b   54.420
_cell.length_c   38.610
_cell.angle_alpha   90.00
_cell.angle_beta   97.33
_cell.angle_gamma   90.00
#
_symmetry.space_group_name_H-M   'C 1 2 1'
#
loop_
_entity.id
_entity.type
_entity.pdbx_description
1 polymer Integrase
2 water water
#
_entity_poly.entity_id   1
_entity_poly.type   'polypeptide(L)'
_entity_poly.pdbx_seq_one_letter_code
;HHNKEWLSKPTDKRRLSELTQIWWDLKGKHEEHGKSNLGKIEIFTKITNDPCAFQITKSLISQYCATRRSQGIKPSSINR
DLTCISGMFTALIEAELFFGEHPIRGTKRLKEEKPETGYLTQEEIALLLAALDGDNKKIAILCLSTGARWGEAARLKAEN
IIHNRVTFVKTKTNKPRTVPISEAVAKMIADNKRGFLFPDADYPRFRRTMKAIKPDLPMGQATHALRHSFATHFMINGGS
IITLQRILGHTRIEQTMVYAHFAPEYLQDAISLNPLRGGTEAESVHTVSTVE
;
_entity_poly.pdbx_strand_id   A,B
#
# COMPACT_ATOMS: atom_id res chain seq x y z
N THR A 117 -1.05 12.68 13.43
CA THR A 117 -1.73 13.54 12.48
C THR A 117 -3.23 13.64 12.80
N GLY A 118 -3.75 14.86 12.77
CA GLY A 118 -5.15 15.11 13.05
C GLY A 118 -5.96 15.26 11.76
N TYR A 119 -6.94 14.38 11.61
CA TYR A 119 -7.83 14.39 10.44
C TYR A 119 -9.27 14.64 10.89
N LEU A 120 -10.14 15.02 9.97
CA LEU A 120 -11.55 15.19 10.33
C LEU A 120 -12.32 13.87 10.13
N THR A 121 -13.11 13.48 11.11
CA THR A 121 -14.00 12.35 10.92
C THR A 121 -15.08 12.68 9.90
N GLN A 122 -15.82 11.66 9.45
CA GLN A 122 -16.93 11.87 8.55
C GLN A 122 -17.96 12.85 9.12
N GLU A 123 -18.24 12.75 10.42
CA GLU A 123 -19.16 13.69 11.07
C GLU A 123 -18.62 15.13 11.00
N GLU A 124 -17.33 15.29 11.29
CA GLU A 124 -16.74 16.63 11.29
C GLU A 124 -16.72 17.23 9.87
N ILE A 125 -16.52 16.39 8.87
CA ILE A 125 -16.59 16.85 7.48
C ILE A 125 -17.98 17.39 7.19
N ALA A 126 -19.01 16.69 7.65
CA ALA A 126 -20.39 17.15 7.44
C ALA A 126 -20.63 18.51 8.14
N LEU A 127 -20.19 18.65 9.38
CA LEU A 127 -20.31 19.93 10.07
C LEU A 127 -19.57 21.07 9.36
N LEU A 128 -18.35 20.76 8.94
CA LEU A 128 -17.53 21.73 8.21
C LEU A 128 -18.20 22.21 6.92
N LEU A 129 -18.61 21.29 6.07
CA LEU A 129 -19.22 21.69 4.79
C LEU A 129 -20.53 22.46 5.02
N ALA A 130 -21.24 22.17 6.11
CA ALA A 130 -22.46 22.91 6.40
C ALA A 130 -22.15 24.33 6.88
N ALA A 131 -21.00 24.51 7.52
CA ALA A 131 -20.62 25.83 8.06
C ALA A 131 -19.93 26.73 7.04
N LEU A 132 -19.32 26.13 6.03
CA LEU A 132 -18.64 26.90 4.99
C LEU A 132 -19.64 27.37 3.93
N ASP A 133 -19.27 28.40 3.17
CA ASP A 133 -20.07 28.78 2.00
C ASP A 133 -19.19 29.29 0.87
N GLY A 134 -19.79 29.48 -0.31
CA GLY A 134 -19.10 30.11 -1.42
C GLY A 134 -17.83 29.39 -1.86
N ASP A 135 -16.80 30.17 -2.17
CA ASP A 135 -15.55 29.60 -2.67
C ASP A 135 -14.85 28.77 -1.61
N ASN A 136 -14.93 29.17 -0.33
CA ASN A 136 -14.34 28.36 0.73
C ASN A 136 -14.92 26.94 0.74
N LYS A 137 -16.22 26.82 0.57
CA LYS A 137 -16.85 25.50 0.60
C LYS A 137 -16.40 24.68 -0.61
N LYS A 138 -16.28 25.35 -1.75
CA LYS A 138 -15.82 24.68 -2.99
C LYS A 138 -14.39 24.17 -2.83
N ILE A 139 -13.51 24.99 -2.27
CA ILE A 139 -12.14 24.58 -2.03
C ILE A 139 -12.06 23.39 -1.08
N ALA A 140 -12.84 23.45 0.00
CA ALA A 140 -12.86 22.35 0.96
C ALA A 140 -13.25 21.04 0.27
N ILE A 141 -14.30 21.10 -0.56
CA ILE A 141 -14.75 19.91 -1.27
C ILE A 141 -13.63 19.41 -2.18
N LEU A 142 -12.97 20.35 -2.84
CA LEU A 142 -11.90 19.95 -3.74
C LEU A 142 -10.74 19.31 -2.97
N CYS A 143 -10.36 19.88 -1.82
CA CYS A 143 -9.30 19.28 -1.03
C CYS A 143 -9.68 17.89 -0.54
N LEU A 144 -10.92 17.74 -0.08
CA LEU A 144 -11.41 16.45 0.41
C LEU A 144 -11.46 15.41 -0.72
N SER A 145 -11.48 15.88 -1.95
CA SER A 145 -11.57 14.99 -3.12
C SER A 145 -10.23 14.61 -3.72
N THR A 146 -9.19 15.39 -3.45
CA THR A 146 -7.91 15.25 -4.14
C THR A 146 -6.69 15.17 -3.22
N GLY A 147 -6.83 15.54 -1.95
CA GLY A 147 -5.69 15.58 -1.05
C GLY A 147 -4.90 16.88 -1.14
N ALA A 148 -5.43 17.84 -1.89
CA ALA A 148 -4.75 19.13 -2.08
C ALA A 148 -4.57 19.89 -0.77
N ARG A 149 -3.44 20.56 -0.65
CA ARG A 149 -3.25 21.53 0.42
C ARG A 149 -4.10 22.76 0.10
N TRP A 150 -4.50 23.51 1.12
CA TRP A 150 -5.35 24.69 0.89
C TRP A 150 -4.76 25.64 -0.17
N GLY A 151 -3.48 25.95 -0.04
CA GLY A 151 -2.85 26.92 -0.93
C GLY A 151 -2.93 26.53 -2.40
N GLU A 152 -2.55 25.31 -2.72
CA GLU A 152 -2.51 24.92 -4.14
C GLU A 152 -3.94 24.77 -4.70
N ALA A 153 -4.91 24.43 -3.86
CA ALA A 153 -6.29 24.40 -4.35
C ALA A 153 -6.81 25.81 -4.61
N ALA A 154 -6.50 26.74 -3.71
CA ALA A 154 -7.01 28.10 -3.75
C ALA A 154 -6.44 28.92 -4.91
N ARG A 155 -5.26 28.55 -5.40
CA ARG A 155 -4.67 29.32 -6.51
C ARG A 155 -4.94 28.70 -7.88
N LEU A 156 -5.77 27.66 -7.94
CA LEU A 156 -6.06 27.01 -9.22
C LEU A 156 -6.72 27.94 -10.20
N LYS A 157 -6.35 27.78 -11.47
CA LYS A 157 -6.98 28.52 -12.55
C LYS A 157 -7.69 27.57 -13.50
N ALA A 158 -8.48 28.13 -14.42
CA ALA A 158 -9.26 27.33 -15.36
C ALA A 158 -8.38 26.35 -16.13
N GLU A 159 -7.18 26.80 -16.51
CA GLU A 159 -6.27 25.99 -17.30
C GLU A 159 -5.75 24.75 -16.55
N ASN A 160 -5.87 24.72 -15.23
CA ASN A 160 -5.41 23.58 -14.43
C ASN A 160 -6.44 22.45 -14.32
N ILE A 161 -7.62 22.66 -14.89
CA ILE A 161 -8.71 21.70 -14.86
C ILE A 161 -9.15 21.38 -16.26
N ILE A 162 -8.78 20.20 -16.71
CA ILE A 162 -9.04 19.79 -18.07
C ILE A 162 -9.66 18.41 -18.00
N HIS A 163 -10.87 18.26 -18.56
CA HIS A 163 -11.56 16.98 -18.67
C HIS A 163 -11.47 16.10 -17.40
N ASN A 164 -11.95 16.68 -16.31
CA ASN A 164 -12.09 16.02 -15.01
C ASN A 164 -10.77 15.58 -14.40
N ARG A 165 -9.73 16.36 -14.66
CA ARG A 165 -8.39 16.11 -14.13
C ARG A 165 -7.82 17.42 -13.64
N VAL A 166 -7.43 17.47 -12.36
CA VAL A 166 -6.87 18.68 -11.76
C VAL A 166 -5.34 18.59 -11.69
N THR A 167 -4.63 19.55 -12.28
CA THR A 167 -3.18 19.54 -12.18
C THR A 167 -2.70 20.49 -11.10
N PHE A 168 -1.95 19.91 -10.15
CA PHE A 168 -1.26 20.64 -9.11
C PHE A 168 0.20 20.76 -9.52
N VAL A 169 0.65 21.98 -9.77
CA VAL A 169 2.01 22.17 -10.27
C VAL A 169 3.05 21.92 -9.16
N LYS A 170 4.29 21.75 -9.58
CA LYS A 170 5.41 21.55 -8.68
C LYS A 170 5.53 22.74 -7.70
N THR A 171 5.81 22.44 -6.44
CA THR A 171 6.05 23.49 -5.45
C THR A 171 7.42 23.27 -4.81
N LYS A 172 7.73 24.02 -3.73
CA LYS A 172 9.01 23.88 -3.07
C LYS A 172 9.26 22.44 -2.59
N THR A 173 8.24 21.80 -2.01
CA THR A 173 8.45 20.51 -1.36
C THR A 173 7.50 19.42 -1.80
N ASN A 174 6.74 19.64 -2.87
CA ASN A 174 5.86 18.61 -3.40
C ASN A 174 5.97 18.49 -4.93
N LYS A 175 5.78 17.28 -5.42
CA LYS A 175 5.84 17.01 -6.85
C LYS A 175 4.60 17.50 -7.60
N PRO A 176 4.74 17.79 -8.91
CA PRO A 176 3.58 18.05 -9.76
C PRO A 176 2.81 16.74 -9.94
N ARG A 177 1.49 16.81 -10.01
CA ARG A 177 0.71 15.59 -10.23
C ARG A 177 -0.67 15.98 -10.72
N THR A 178 -1.35 15.05 -11.38
CA THR A 178 -2.67 15.35 -11.89
C THR A 178 -3.64 14.36 -11.25
N VAL A 179 -4.73 14.88 -10.66
CA VAL A 179 -5.65 14.05 -9.88
C VAL A 179 -7.05 14.09 -10.48
N PRO A 180 -7.60 12.91 -10.77
CA PRO A 180 -8.93 12.85 -11.35
C PRO A 180 -10.03 13.22 -10.36
N ILE A 181 -11.09 13.84 -10.88
CA ILE A 181 -12.25 14.19 -10.07
C ILE A 181 -13.52 13.76 -10.81
N SER A 182 -14.60 13.59 -10.07
CA SER A 182 -15.87 13.24 -10.65
C SER A 182 -16.45 14.42 -11.44
N GLU A 183 -17.34 14.10 -12.36
CA GLU A 183 -18.07 15.11 -13.12
C GLU A 183 -18.74 16.13 -12.23
N ALA A 184 -19.32 15.65 -11.14
CA ALA A 184 -20.03 16.51 -10.21
C ALA A 184 -19.08 17.53 -9.55
N VAL A 185 -17.91 17.08 -9.15
CA VAL A 185 -16.93 18.00 -8.56
C VAL A 185 -16.44 18.99 -9.64
N ALA A 186 -16.14 18.48 -10.82
CA ALA A 186 -15.73 19.37 -11.92
C ALA A 186 -16.78 20.43 -12.21
N LYS A 187 -18.04 20.02 -12.22
CA LYS A 187 -19.12 20.94 -12.56
C LYS A 187 -19.24 22.01 -11.48
N MET A 188 -18.99 21.62 -10.24
CA MET A 188 -19.07 22.58 -9.14
C MET A 188 -17.99 23.65 -9.20
N ILE A 189 -16.79 23.27 -9.64
CA ILE A 189 -15.63 24.17 -9.56
C ILE A 189 -15.23 24.85 -10.87
N ALA A 190 -15.86 24.50 -11.98
CA ALA A 190 -15.42 25.02 -13.27
C ALA A 190 -16.33 26.10 -13.86
N ASP A 191 -16.91 26.95 -13.01
CA ASP A 191 -17.72 28.05 -13.52
C ASP A 191 -16.85 29.03 -14.31
N ASN A 192 -15.75 29.47 -13.71
CA ASN A 192 -14.87 30.41 -14.39
C ASN A 192 -14.04 29.70 -15.46
N LYS A 193 -14.26 30.10 -16.72
CA LYS A 193 -13.61 29.47 -17.86
C LYS A 193 -12.27 30.12 -18.14
N ARG A 194 -11.97 31.12 -17.34
CA ARG A 194 -10.71 31.84 -17.45
C ARG A 194 -10.34 32.37 -16.05
N GLY A 195 -9.05 32.45 -15.75
CA GLY A 195 -8.59 33.02 -14.50
C GLY A 195 -8.78 32.09 -13.31
N PHE A 196 -8.80 32.67 -12.12
CA PHE A 196 -8.90 31.90 -10.89
C PHE A 196 -10.24 31.19 -10.74
N LEU A 197 -10.19 29.93 -10.34
CA LEU A 197 -11.40 29.18 -10.02
C LEU A 197 -12.12 29.74 -8.79
N PHE A 198 -11.35 30.21 -7.81
CA PHE A 198 -11.89 30.62 -6.51
C PHE A 198 -11.41 32.00 -6.06
N PRO A 199 -11.79 33.06 -6.78
CA PRO A 199 -11.25 34.41 -6.54
C PRO A 199 -11.73 35.03 -5.25
N ASP A 200 -12.74 34.44 -4.62
CA ASP A 200 -13.26 34.99 -3.38
C ASP A 200 -12.97 34.07 -2.20
N ALA A 201 -11.91 33.28 -2.32
CA ALA A 201 -11.44 32.48 -1.18
C ALA A 201 -11.10 33.39 0.01
N ASP A 202 -11.34 32.88 1.22
CA ASP A 202 -11.06 33.64 2.43
C ASP A 202 -10.44 32.69 3.43
N TYR A 203 -9.13 32.55 3.40
CA TYR A 203 -8.48 31.59 4.29
C TYR A 203 -8.73 31.91 5.79
N PRO A 204 -8.64 33.18 6.22
CA PRO A 204 -8.85 33.42 7.66
C PRO A 204 -10.22 32.93 8.15
N ARG A 205 -11.28 33.13 7.38
CA ARG A 205 -12.61 32.65 7.78
C ARG A 205 -12.69 31.14 7.77
N PHE A 206 -12.15 30.51 6.71
CA PHE A 206 -12.05 29.07 6.64
C PHE A 206 -11.33 28.52 7.86
N ARG A 207 -10.20 29.11 8.19
CA ARG A 207 -9.39 28.66 9.32
C ARG A 207 -10.18 28.75 10.65
N ARG A 208 -10.83 29.89 10.88
CA ARG A 208 -11.68 30.06 12.06
C ARG A 208 -12.74 28.98 12.16
N THR A 209 -13.42 28.73 11.03
CA THR A 209 -14.51 27.79 11.01
C THR A 209 -14.01 26.39 11.33
N MET A 210 -12.89 26.03 10.71
CA MET A 210 -12.25 24.74 10.93
C MET A 210 -11.86 24.53 12.39
N LYS A 211 -11.30 25.57 12.99
CA LYS A 211 -10.82 25.47 14.37
C LYS A 211 -11.96 25.33 15.36
N ALA A 212 -13.13 25.89 15.03
CA ALA A 212 -14.27 25.78 15.95
C ALA A 212 -14.76 24.33 15.91
N ILE A 213 -14.73 23.74 14.72
CA ILE A 213 -15.16 22.37 14.51
C ILE A 213 -14.17 21.35 15.08
N LYS A 214 -12.88 21.67 15.01
CA LYS A 214 -11.85 20.77 15.47
C LYS A 214 -10.88 21.53 16.36
N PRO A 215 -11.24 21.68 17.63
CA PRO A 215 -10.51 22.54 18.57
C PRO A 215 -9.10 22.03 18.92
N ASP A 216 -8.83 20.76 18.69
CA ASP A 216 -7.51 20.21 19.03
C ASP A 216 -6.58 20.22 17.83
N LEU A 217 -6.95 20.98 16.80
CA LEU A 217 -6.14 21.08 15.59
C LEU A 217 -4.83 21.81 15.91
N PRO A 218 -3.67 21.14 15.66
CA PRO A 218 -2.39 21.77 15.98
C PRO A 218 -2.20 23.09 15.23
N MET A 219 -1.52 24.05 15.83
CA MET A 219 -1.37 25.36 15.20
C MET A 219 -0.76 25.23 13.81
N GLY A 220 -1.28 26.00 12.87
CA GLY A 220 -0.76 26.05 11.51
C GLY A 220 -1.34 25.01 10.56
N GLN A 221 -2.11 24.05 11.08
CA GLN A 221 -2.44 22.90 10.23
C GLN A 221 -3.77 22.99 9.50
N ALA A 222 -4.45 24.14 9.58
CA ALA A 222 -5.68 24.33 8.82
C ALA A 222 -5.45 24.17 7.31
N THR A 223 -4.23 24.46 6.87
CA THR A 223 -3.94 24.33 5.43
C THR A 223 -3.90 22.88 5.00
N HIS A 224 -3.60 21.99 5.95
CA HIS A 224 -3.36 20.59 5.62
C HIS A 224 -4.43 19.65 6.19
N ALA A 225 -5.31 20.13 7.06
CA ALA A 225 -6.29 19.25 7.72
C ALA A 225 -7.16 18.45 6.72
N LEU A 226 -7.59 19.08 5.63
CA LEU A 226 -8.42 18.36 4.65
C LEU A 226 -7.59 17.37 3.84
N ARG A 227 -6.34 17.72 3.55
CA ARG A 227 -5.43 16.76 2.92
C ARG A 227 -5.25 15.53 3.82
N HIS A 228 -5.03 15.77 5.12
CA HIS A 228 -4.91 14.63 6.05
C HIS A 228 -6.19 13.80 6.09
N SER A 229 -7.32 14.48 5.94
CA SER A 229 -8.62 13.82 5.93
C SER A 229 -8.78 12.95 4.69
N PHE A 230 -8.44 13.51 3.54
CA PHE A 230 -8.47 12.75 2.30
C PHE A 230 -7.64 11.48 2.45
N ALA A 231 -6.41 11.69 2.90
CA ALA A 231 -5.41 10.62 2.97
C ALA A 231 -5.81 9.56 4.00
N THR A 232 -6.26 9.99 5.17
CA THR A 232 -6.64 9.04 6.19
C THR A 232 -7.82 8.19 5.73
N HIS A 233 -8.86 8.82 5.20
CA HIS A 233 -10.03 8.08 4.77
C HIS A 233 -9.72 7.20 3.55
N PHE A 234 -8.85 7.68 2.68
CA PHE A 234 -8.35 6.90 1.52
C PHE A 234 -7.79 5.54 2.00
N MET A 235 -6.95 5.58 3.03
CA MET A 235 -6.36 4.37 3.60
C MET A 235 -7.40 3.51 4.32
N ILE A 236 -8.28 4.14 5.11
CA ILE A 236 -9.33 3.39 5.82
C ILE A 236 -10.18 2.63 4.81
N ASN A 237 -10.40 3.28 3.66
CA ASN A 237 -11.25 2.72 2.62
C ASN A 237 -10.53 1.73 1.69
N GLY A 238 -9.31 1.32 2.05
CA GLY A 238 -8.66 0.23 1.34
C GLY A 238 -7.69 0.65 0.25
N GLY A 239 -7.41 1.95 0.19
CA GLY A 239 -6.51 2.52 -0.83
C GLY A 239 -5.08 2.07 -0.69
N SER A 240 -4.38 2.01 -1.80
CA SER A 240 -2.98 1.63 -1.81
C SER A 240 -2.11 2.81 -1.39
N ILE A 241 -1.21 2.61 -0.44
CA ILE A 241 -0.39 3.72 0.05
C ILE A 241 0.54 4.22 -1.06
N ILE A 242 0.86 3.36 -2.01
CA ILE A 242 1.74 3.74 -3.13
C ILE A 242 0.99 4.68 -4.07
N THR A 243 -0.28 4.39 -4.35
CA THR A 243 -1.08 5.33 -5.15
C THR A 243 -1.30 6.65 -4.41
N LEU A 244 -1.45 6.57 -3.09
CA LEU A 244 -1.68 7.77 -2.30
C LEU A 244 -0.45 8.69 -2.35
N GLN A 245 0.73 8.10 -2.23
CA GLN A 245 1.95 8.87 -2.33
C GLN A 245 1.96 9.68 -3.63
N ARG A 246 1.58 9.02 -4.73
CA ARG A 246 1.55 9.70 -6.03
C ARG A 246 0.52 10.83 -6.04
N ILE A 247 -0.66 10.54 -5.53
CA ILE A 247 -1.76 11.53 -5.48
C ILE A 247 -1.34 12.77 -4.65
N LEU A 248 -0.65 12.54 -3.54
CA LEU A 248 -0.27 13.68 -2.67
C LEU A 248 0.92 14.46 -3.19
N GLY A 249 1.68 13.86 -4.11
CA GLY A 249 2.92 14.49 -4.60
C GLY A 249 4.12 14.34 -3.66
N HIS A 250 4.06 13.36 -2.77
CA HIS A 250 5.17 13.06 -1.86
C HIS A 250 6.34 12.47 -2.62
N THR A 251 7.54 13.02 -2.38
CA THR A 251 8.74 12.50 -3.06
C THR A 251 9.16 11.14 -2.52
N ARG A 252 8.98 10.93 -1.21
CA ARG A 252 9.36 9.66 -0.58
C ARG A 252 8.16 9.04 0.12
N ILE A 253 8.03 7.72 0.04
CA ILE A 253 6.96 7.00 0.71
C ILE A 253 6.99 7.23 2.23
N GLU A 254 8.17 7.54 2.76
CA GLU A 254 8.30 7.81 4.20
C GLU A 254 7.33 8.93 4.61
N GLN A 255 7.11 9.90 3.73
CA GLN A 255 6.16 10.98 4.05
C GLN A 255 4.74 10.48 4.13
N THR A 256 4.40 9.55 3.26
CA THR A 256 3.04 9.01 3.17
C THR A 256 2.76 7.99 4.29
N MET A 257 3.80 7.40 4.87
CA MET A 257 3.64 6.33 5.85
C MET A 257 2.99 6.82 7.14
N VAL A 258 2.88 8.14 7.30
CA VAL A 258 2.21 8.67 8.47
C VAL A 258 0.74 8.24 8.47
N TYR A 259 0.23 7.79 7.33
CA TYR A 259 -1.17 7.33 7.23
C TYR A 259 -1.30 5.81 7.26
N ALA A 260 -0.18 5.11 7.29
CA ALA A 260 -0.16 3.67 7.10
C ALA A 260 -0.98 2.90 8.12
N HIS A 261 -1.00 3.35 9.37
CA HIS A 261 -1.65 2.59 10.43
C HIS A 261 -3.18 2.59 10.31
N PHE A 262 -3.71 3.34 9.36
CA PHE A 262 -5.15 3.37 9.08
C PHE A 262 -5.58 2.29 8.07
N ALA A 263 -4.61 1.65 7.42
CA ALA A 263 -4.93 0.59 6.46
C ALA A 263 -5.64 -0.56 7.17
N PRO A 264 -6.60 -1.19 6.49
CA PRO A 264 -7.30 -2.34 7.09
C PRO A 264 -6.36 -3.48 7.46
N GLU A 265 -6.67 -4.18 8.55
CA GLU A 265 -5.80 -5.27 8.97
C GLU A 265 -6.29 -6.59 8.41
N TYR A 266 -5.46 -7.18 7.57
CA TYR A 266 -5.67 -8.51 7.00
C TYR A 266 -4.51 -9.42 7.40
N LEU A 267 -4.75 -10.28 8.39
CA LEU A 267 -3.68 -11.09 8.96
C LEU A 267 -3.30 -12.30 8.10
N GLN A 268 -4.08 -12.58 7.05
CA GLN A 268 -3.88 -13.78 6.25
C GLN A 268 -3.47 -13.49 4.81
N ASP A 269 -3.08 -12.26 4.51
CA ASP A 269 -2.74 -11.89 3.14
C ASP A 269 -1.59 -12.73 2.56
N ALA A 270 -0.67 -13.21 3.41
CA ALA A 270 0.43 -14.03 2.91
C ALA A 270 -0.09 -15.33 2.27
N ILE A 271 -1.20 -15.84 2.79
CA ILE A 271 -1.79 -17.02 2.22
C ILE A 271 -2.52 -16.68 0.93
N SER A 272 -3.40 -15.68 1.00
CA SER A 272 -4.30 -15.39 -0.11
C SER A 272 -3.60 -14.82 -1.35
N LEU A 273 -2.47 -14.15 -1.14
CA LEU A 273 -1.82 -13.41 -2.22
C LEU A 273 -0.47 -13.96 -2.65
N ASN A 274 0.00 -15.05 -2.03
CA ASN A 274 1.25 -15.65 -2.49
C ASN A 274 0.99 -16.37 -3.82
N PRO A 275 2.06 -16.62 -4.62
CA PRO A 275 1.83 -17.10 -5.99
C PRO A 275 1.18 -18.50 -6.08
N LEU A 276 1.15 -19.23 -4.97
CA LEU A 276 0.48 -20.52 -4.93
C LEU A 276 -0.96 -20.37 -4.43
N ARG A 277 -1.34 -19.14 -4.09
CA ARG A 277 -2.67 -18.83 -3.56
C ARG A 277 -3.07 -19.70 -2.37
N GLY A 278 -2.09 -20.05 -1.53
CA GLY A 278 -2.37 -20.80 -0.33
C GLY A 278 -2.33 -22.30 -0.54
N GLY A 279 -2.10 -22.73 -1.77
CA GLY A 279 -2.05 -24.14 -2.08
C GLY A 279 -0.62 -24.65 -2.08
N THR A 280 -0.45 -25.89 -2.50
CA THR A 280 0.89 -26.45 -2.71
C THR A 280 1.20 -26.56 -4.20
N GLU A 281 0.26 -26.10 -5.02
CA GLU A 281 0.32 -26.17 -6.48
C GLU A 281 0.70 -27.55 -6.98
N GLY B 118 14.64 -9.53 -10.42
CA GLY B 118 14.68 -10.94 -10.80
C GLY B 118 13.72 -11.79 -9.98
N TYR B 119 12.81 -12.49 -10.66
CA TYR B 119 11.83 -13.33 -9.96
C TYR B 119 11.29 -14.39 -10.90
N LEU B 120 10.64 -15.40 -10.32
CA LEU B 120 10.07 -16.48 -11.11
C LEU B 120 8.62 -16.20 -11.49
N THR B 121 8.31 -16.31 -12.78
CA THR B 121 6.93 -16.18 -13.24
C THR B 121 6.13 -17.40 -12.80
N GLN B 122 4.80 -17.34 -12.95
CA GLN B 122 3.96 -18.49 -12.63
C GLN B 122 4.40 -19.72 -13.42
N GLU B 123 4.79 -19.52 -14.67
CA GLU B 123 5.21 -20.63 -15.53
C GLU B 123 6.52 -21.23 -15.02
N GLU B 124 7.42 -20.36 -14.56
CA GLU B 124 8.70 -20.81 -14.03
C GLU B 124 8.52 -21.54 -12.69
N ILE B 125 7.59 -21.06 -11.88
CA ILE B 125 7.29 -21.71 -10.61
C ILE B 125 6.78 -23.14 -10.85
N ALA B 126 5.87 -23.30 -11.82
CA ALA B 126 5.35 -24.63 -12.18
C ALA B 126 6.48 -25.58 -12.58
N LEU B 127 7.39 -25.09 -13.42
CA LEU B 127 8.53 -25.89 -13.89
C LEU B 127 9.47 -26.26 -12.74
N LEU B 128 9.67 -25.32 -11.82
CA LEU B 128 10.57 -25.51 -10.69
C LEU B 128 10.00 -26.57 -9.75
N LEU B 129 8.72 -26.45 -9.41
CA LEU B 129 8.12 -27.39 -8.47
C LEU B 129 8.01 -28.78 -9.09
N ALA B 130 7.96 -28.85 -10.41
CA ALA B 130 7.90 -30.13 -11.11
C ALA B 130 9.26 -30.82 -11.16
N ALA B 131 10.33 -30.03 -11.13
CA ALA B 131 11.68 -30.56 -11.24
C ALA B 131 12.33 -30.82 -9.88
N LEU B 132 11.80 -30.19 -8.82
CA LEU B 132 12.30 -30.46 -7.47
C LEU B 132 11.62 -31.69 -6.88
N ASP B 133 12.20 -32.26 -5.83
CA ASP B 133 11.57 -33.36 -5.12
C ASP B 133 11.97 -33.34 -3.65
N GLY B 134 11.33 -34.20 -2.85
CA GLY B 134 11.70 -34.39 -1.46
C GLY B 134 11.58 -33.12 -0.62
N ASP B 135 12.50 -32.96 0.31
CA ASP B 135 12.53 -31.79 1.19
C ASP B 135 12.82 -30.50 0.41
N ASN B 136 13.58 -30.60 -0.68
CA ASN B 136 13.85 -29.42 -1.52
C ASN B 136 12.56 -28.79 -2.08
N LYS B 137 11.67 -29.63 -2.57
CA LYS B 137 10.38 -29.18 -3.07
C LYS B 137 9.53 -28.62 -1.94
N LYS B 138 9.63 -29.21 -0.75
CA LYS B 138 8.86 -28.72 0.38
C LYS B 138 9.36 -27.34 0.82
N ILE B 139 10.68 -27.15 0.81
CA ILE B 139 11.25 -25.85 1.16
C ILE B 139 10.86 -24.77 0.15
N ALA B 140 10.93 -25.12 -1.13
CA ALA B 140 10.53 -24.21 -2.18
C ALA B 140 9.10 -23.75 -1.96
N ILE B 141 8.21 -24.69 -1.65
CA ILE B 141 6.80 -24.34 -1.48
C ILE B 141 6.65 -23.38 -0.31
N LEU B 142 7.42 -23.61 0.75
CA LEU B 142 7.37 -22.77 1.96
C LEU B 142 7.90 -21.35 1.68
N CYS B 143 9.01 -21.25 0.96
CA CYS B 143 9.55 -19.95 0.58
C CYS B 143 8.57 -19.18 -0.33
N LEU B 144 7.98 -19.88 -1.29
CA LEU B 144 7.01 -19.23 -2.18
C LEU B 144 5.74 -18.84 -1.42
N SER B 145 5.51 -19.46 -0.28
CA SER B 145 4.30 -19.19 0.49
C SER B 145 4.50 -18.10 1.53
N THR B 146 5.76 -17.81 1.89
CA THR B 146 6.03 -16.96 3.05
C THR B 146 7.05 -15.84 2.81
N GLY B 147 7.77 -15.91 1.70
CA GLY B 147 8.88 -14.98 1.47
C GLY B 147 10.16 -15.38 2.20
N ALA B 148 10.19 -16.56 2.79
CA ALA B 148 11.39 -17.02 3.50
C ALA B 148 12.62 -17.06 2.60
N ARG B 149 13.78 -16.69 3.15
CA ARG B 149 15.06 -17.02 2.55
C ARG B 149 15.24 -18.53 2.61
N TRP B 150 16.10 -19.09 1.78
CA TRP B 150 16.30 -20.52 1.76
C TRP B 150 16.72 -21.01 3.14
N GLY B 151 17.75 -20.37 3.69
CA GLY B 151 18.30 -20.76 4.98
C GLY B 151 17.30 -20.82 6.13
N GLU B 152 16.45 -19.81 6.25
CA GLU B 152 15.53 -19.79 7.39
C GLU B 152 14.42 -20.83 7.18
N ALA B 153 14.02 -21.07 5.93
CA ALA B 153 13.11 -22.18 5.64
C ALA B 153 13.75 -23.54 5.96
N ALA B 154 14.99 -23.73 5.51
CA ALA B 154 15.68 -25.00 5.64
C ALA B 154 15.94 -25.42 7.09
N ARG B 155 16.08 -24.45 7.98
CA ARG B 155 16.36 -24.76 9.38
C ARG B 155 15.11 -24.75 10.26
N LEU B 156 13.93 -24.77 9.65
CA LEU B 156 12.68 -24.77 10.40
C LEU B 156 12.50 -26.03 11.22
N LYS B 157 11.98 -25.87 12.44
CA LYS B 157 11.66 -27.01 13.29
C LYS B 157 10.16 -27.09 13.51
N ALA B 158 9.65 -28.28 13.86
CA ALA B 158 8.21 -28.48 14.06
C ALA B 158 7.64 -27.58 15.17
N GLU B 159 8.44 -27.30 16.20
CA GLU B 159 8.00 -26.43 17.29
C GLU B 159 7.84 -24.99 16.82
N ASN B 160 8.34 -24.69 15.63
CA ASN B 160 8.21 -23.36 15.03
C ASN B 160 6.93 -23.19 14.21
N ILE B 161 6.11 -24.23 14.15
CA ILE B 161 4.81 -24.11 13.51
C ILE B 161 3.72 -24.17 14.56
N ILE B 162 3.05 -23.04 14.78
CA ILE B 162 2.04 -22.94 15.82
C ILE B 162 0.73 -22.43 15.24
N HIS B 163 -0.29 -23.29 15.21
CA HIS B 163 -1.61 -22.93 14.73
C HIS B 163 -1.50 -22.35 13.31
N ASN B 164 -0.79 -23.07 12.45
CA ASN B 164 -0.61 -22.67 11.05
C ASN B 164 0.11 -21.33 10.87
N ARG B 165 0.97 -20.99 11.82
CA ARG B 165 1.79 -19.78 11.71
C ARG B 165 3.25 -20.16 11.91
N VAL B 166 4.07 -19.82 10.92
CA VAL B 166 5.49 -20.15 10.93
C VAL B 166 6.30 -19.05 11.61
N THR B 167 7.05 -19.40 12.64
CA THR B 167 7.96 -18.44 13.26
C THR B 167 9.35 -18.61 12.70
N PHE B 168 9.92 -17.55 12.15
CA PHE B 168 11.34 -17.57 11.81
C PHE B 168 12.12 -16.98 12.97
N VAL B 169 12.82 -17.84 13.71
CA VAL B 169 13.43 -17.43 14.97
C VAL B 169 14.63 -16.51 14.75
N LYS B 170 15.09 -15.89 15.83
CA LYS B 170 16.17 -14.93 15.80
C LYS B 170 17.48 -15.51 15.30
N THR B 171 18.25 -14.71 14.55
CA THR B 171 19.59 -15.11 14.14
C THR B 171 20.61 -14.01 14.46
N THR B 173 21.73 -11.82 10.78
CA THR B 173 21.06 -11.55 12.05
C THR B 173 19.72 -10.86 11.84
N ASN B 174 18.66 -11.50 12.31
CA ASN B 174 17.32 -10.97 12.12
C ASN B 174 16.47 -11.12 13.37
N LYS B 175 15.55 -10.18 13.58
CA LYS B 175 14.52 -10.32 14.61
C LYS B 175 13.62 -11.48 14.27
N PRO B 176 12.95 -12.05 15.28
CA PRO B 176 11.95 -13.08 14.97
C PRO B 176 10.76 -12.48 14.25
N ARG B 177 10.12 -13.26 13.39
CA ARG B 177 8.88 -12.82 12.75
C ARG B 177 8.03 -14.04 12.45
N THR B 178 6.74 -13.81 12.25
CA THR B 178 5.79 -14.90 12.10
C THR B 178 4.97 -14.70 10.82
N VAL B 179 4.73 -15.76 10.08
CA VAL B 179 4.01 -15.67 8.81
C VAL B 179 3.00 -16.82 8.72
N PRO B 180 1.74 -16.50 8.45
CA PRO B 180 0.74 -17.57 8.39
C PRO B 180 0.90 -18.42 7.13
N ILE B 181 0.59 -19.70 7.26
CA ILE B 181 0.50 -20.60 6.11
C ILE B 181 -0.82 -21.35 6.17
N SER B 182 -1.25 -21.86 5.03
CA SER B 182 -2.48 -22.64 4.96
C SER B 182 -2.34 -23.98 5.68
N GLU B 183 -3.48 -24.58 6.01
CA GLU B 183 -3.49 -25.91 6.60
C GLU B 183 -2.82 -26.91 5.66
N ALA B 184 -3.04 -26.74 4.36
CA ALA B 184 -2.48 -27.65 3.35
C ALA B 184 -0.96 -27.63 3.35
N VAL B 185 -0.39 -26.43 3.43
CA VAL B 185 1.06 -26.27 3.46
C VAL B 185 1.63 -26.81 4.76
N ALA B 186 1.01 -26.43 5.88
CA ALA B 186 1.43 -26.92 7.19
C ALA B 186 1.41 -28.43 7.23
N LYS B 187 0.37 -29.02 6.64
CA LYS B 187 0.24 -30.46 6.59
C LYS B 187 1.39 -31.08 5.78
N MET B 188 1.68 -30.49 4.63
CA MET B 188 2.72 -31.00 3.78
C MET B 188 4.09 -31.00 4.45
N ILE B 189 4.42 -29.92 5.16
CA ILE B 189 5.78 -29.78 5.68
C ILE B 189 6.00 -30.24 7.12
N ALA B 190 4.95 -30.44 7.90
CA ALA B 190 5.17 -30.63 9.35
C ALA B 190 4.55 -31.87 10.00
N ASP B 191 3.46 -32.40 9.44
CA ASP B 191 2.79 -33.50 10.13
C ASP B 191 3.66 -34.72 10.37
N ASN B 192 3.51 -35.27 11.57
CA ASN B 192 4.23 -36.47 11.98
C ASN B 192 5.74 -36.25 11.85
N LYS B 193 6.16 -35.01 12.12
CA LYS B 193 7.57 -34.67 12.13
C LYS B 193 7.91 -33.94 13.42
N ARG B 194 9.06 -34.25 13.98
CA ARG B 194 9.54 -33.54 15.16
C ARG B 194 10.97 -33.08 14.90
N GLY B 195 11.39 -32.01 15.59
CA GLY B 195 12.70 -31.46 15.36
C GLY B 195 12.78 -30.77 14.01
N PHE B 196 13.97 -30.73 13.41
CA PHE B 196 14.14 -30.08 12.10
C PHE B 196 13.22 -30.73 11.07
N LEU B 197 12.48 -29.90 10.33
CA LEU B 197 11.53 -30.41 9.36
C LEU B 197 12.18 -30.96 8.09
N PHE B 198 13.32 -30.41 7.70
CA PHE B 198 13.90 -30.75 6.40
C PHE B 198 15.33 -31.33 6.47
N PRO B 199 15.48 -32.53 7.05
CA PRO B 199 16.82 -33.10 7.23
C PRO B 199 17.48 -33.49 5.90
N ASP B 200 16.70 -33.69 4.84
CA ASP B 200 17.26 -34.06 3.55
C ASP B 200 17.28 -32.89 2.56
N ALA B 201 17.33 -31.68 3.09
CA ALA B 201 17.52 -30.51 2.23
C ALA B 201 18.82 -30.67 1.45
N ASP B 202 18.84 -30.20 0.21
CA ASP B 202 20.00 -30.30 -0.65
C ASP B 202 20.11 -29.03 -1.48
N TYR B 203 20.75 -28.01 -0.92
CA TYR B 203 20.79 -26.71 -1.57
C TYR B 203 21.55 -26.67 -2.92
N PRO B 204 22.75 -27.30 -3.01
CA PRO B 204 23.41 -27.28 -4.33
C PRO B 204 22.56 -27.91 -5.43
N ARG B 205 21.77 -28.93 -5.09
CA ARG B 205 20.93 -29.57 -6.09
C ARG B 205 19.80 -28.64 -6.46
N PHE B 206 19.24 -27.99 -5.45
CA PHE B 206 18.19 -27.00 -5.62
C PHE B 206 18.67 -25.89 -6.55
N ARG B 207 19.89 -25.44 -6.29
CA ARG B 207 20.48 -24.33 -7.03
C ARG B 207 20.67 -24.70 -8.50
N ARG B 208 21.16 -25.92 -8.76
CA ARG B 208 21.37 -26.36 -10.14
C ARG B 208 20.05 -26.43 -10.90
N THR B 209 19.00 -26.88 -10.22
CA THR B 209 17.68 -26.97 -10.83
C THR B 209 17.14 -25.58 -11.12
N MET B 210 17.25 -24.71 -10.12
CA MET B 210 16.85 -23.31 -10.24
C MET B 210 17.52 -22.65 -11.45
N LYS B 211 18.83 -22.84 -11.56
CA LYS B 211 19.63 -22.25 -12.63
C LYS B 211 19.24 -22.77 -14.02
N ALA B 212 18.76 -24.01 -14.08
CA ALA B 212 18.28 -24.58 -15.33
C ALA B 212 17.00 -23.88 -15.76
N ILE B 213 16.14 -23.62 -14.79
CA ILE B 213 14.86 -22.93 -15.02
C ILE B 213 15.06 -21.45 -15.32
N LYS B 214 16.00 -20.81 -14.61
CA LYS B 214 16.25 -19.38 -14.75
C LYS B 214 17.72 -19.10 -15.09
N PRO B 215 18.10 -19.26 -16.37
CA PRO B 215 19.49 -19.14 -16.84
C PRO B 215 20.11 -17.77 -16.58
N ASP B 216 19.28 -16.76 -16.36
CA ASP B 216 19.78 -15.41 -16.14
C ASP B 216 19.88 -15.05 -14.66
N LEU B 217 19.74 -16.05 -13.80
CA LEU B 217 19.87 -15.85 -12.35
C LEU B 217 21.32 -15.53 -11.97
N PRO B 218 21.55 -14.35 -11.38
CA PRO B 218 22.89 -13.94 -10.93
C PRO B 218 23.44 -14.89 -9.88
N MET B 219 24.77 -14.93 -9.75
CA MET B 219 25.43 -15.86 -8.84
C MET B 219 24.95 -15.70 -7.40
N GLY B 220 24.70 -16.83 -6.74
CA GLY B 220 24.40 -16.85 -5.32
C GLY B 220 22.99 -16.43 -4.93
N GLN B 221 22.25 -15.86 -5.87
CA GLN B 221 20.91 -15.38 -5.54
C GLN B 221 19.87 -16.48 -5.58
N ALA B 222 20.30 -17.74 -5.61
CA ALA B 222 19.35 -18.84 -5.55
C ALA B 222 18.68 -18.90 -4.17
N THR B 223 19.36 -18.38 -3.15
CA THR B 223 18.80 -18.36 -1.81
C THR B 223 17.64 -17.38 -1.68
N HIS B 224 17.57 -16.39 -2.58
CA HIS B 224 16.60 -15.31 -2.45
C HIS B 224 15.58 -15.21 -3.57
N ALA B 225 15.80 -15.94 -4.65
CA ALA B 225 14.90 -15.87 -5.81
C ALA B 225 13.46 -16.18 -5.40
N LEU B 226 13.27 -17.17 -4.54
CA LEU B 226 11.89 -17.55 -4.18
C LEU B 226 11.24 -16.50 -3.29
N ARG B 227 12.06 -15.89 -2.44
CA ARG B 227 11.63 -14.73 -1.65
C ARG B 227 11.25 -13.58 -2.58
N HIS B 228 12.11 -13.27 -3.56
CA HIS B 228 11.74 -12.24 -4.53
C HIS B 228 10.48 -12.59 -5.31
N SER B 229 10.29 -13.88 -5.56
CA SER B 229 9.09 -14.32 -6.27
C SER B 229 7.85 -14.12 -5.43
N PHE B 230 7.92 -14.54 -4.16
CA PHE B 230 6.84 -14.25 -3.24
C PHE B 230 6.47 -12.78 -3.26
N ALA B 231 7.45 -11.92 -3.00
CA ALA B 231 7.18 -10.50 -2.83
C ALA B 231 6.64 -9.87 -4.11
N THR B 232 7.18 -10.26 -5.26
CA THR B 232 6.78 -9.67 -6.52
C THR B 232 5.32 -10.01 -6.83
N HIS B 233 4.98 -11.29 -6.74
CA HIS B 233 3.61 -11.72 -6.98
C HIS B 233 2.64 -11.15 -5.95
N PHE B 234 3.10 -11.01 -4.71
CA PHE B 234 2.29 -10.40 -3.66
C PHE B 234 1.79 -9.01 -4.08
N MET B 235 2.71 -8.21 -4.62
CA MET B 235 2.38 -6.86 -5.07
C MET B 235 1.56 -6.86 -6.37
N ILE B 236 1.94 -7.69 -7.34
CA ILE B 236 1.18 -7.81 -8.58
C ILE B 236 -0.26 -8.18 -8.24
N ASN B 237 -0.42 -9.09 -7.28
CA ASN B 237 -1.73 -9.62 -6.93
C ASN B 237 -2.58 -8.65 -6.11
N GLY B 238 -2.02 -7.52 -5.71
CA GLY B 238 -2.79 -6.48 -5.06
C GLY B 238 -2.45 -6.28 -3.58
N GLY B 239 -1.34 -6.86 -3.16
CA GLY B 239 -0.90 -6.74 -1.79
C GLY B 239 -0.46 -5.34 -1.46
N SER B 240 -0.49 -5.05 -0.17
CA SER B 240 -0.03 -3.79 0.38
C SER B 240 1.48 -3.82 0.67
N ILE B 241 2.18 -2.76 0.29
CA ILE B 241 3.62 -2.69 0.57
C ILE B 241 3.88 -2.65 2.10
N ILE B 242 2.94 -2.11 2.87
CA ILE B 242 3.07 -2.08 4.33
C ILE B 242 3.07 -3.50 4.91
N THR B 243 2.13 -4.30 4.44
CA THR B 243 2.02 -5.68 4.88
C THR B 243 3.22 -6.50 4.44
N LEU B 244 3.70 -6.25 3.23
CA LEU B 244 4.83 -7.01 2.71
C LEU B 244 6.08 -6.74 3.54
N GLN B 245 6.25 -5.48 3.97
CA GLN B 245 7.38 -5.13 4.83
C GLN B 245 7.39 -6.00 6.09
N ARG B 246 6.24 -6.07 6.75
CA ARG B 246 6.14 -6.88 7.96
C ARG B 246 6.42 -8.35 7.63
N ILE B 247 5.85 -8.83 6.54
CA ILE B 247 6.02 -10.25 6.17
C ILE B 247 7.50 -10.59 5.93
N LEU B 248 8.19 -9.72 5.21
CA LEU B 248 9.59 -9.95 4.84
C LEU B 248 10.57 -9.71 6.00
N GLY B 249 10.10 -8.99 7.02
CA GLY B 249 10.94 -8.66 8.15
C GLY B 249 11.86 -7.46 7.90
N HIS B 250 11.50 -6.63 6.92
CA HIS B 250 12.30 -5.45 6.59
C HIS B 250 12.20 -4.41 7.70
N THR B 251 13.34 -3.89 8.17
CA THR B 251 13.31 -2.90 9.24
C THR B 251 12.93 -1.51 8.71
N ARG B 252 13.12 -1.29 7.42
CA ARG B 252 12.75 -0.02 6.80
C ARG B 252 11.94 -0.24 5.52
N ILE B 253 10.97 0.64 5.29
CA ILE B 253 10.11 0.54 4.12
C ILE B 253 10.90 0.71 2.81
N GLU B 254 12.00 1.45 2.88
CA GLU B 254 12.89 1.62 1.73
C GLU B 254 13.37 0.27 1.20
N GLN B 255 13.58 -0.70 2.09
CA GLN B 255 13.97 -2.05 1.66
C GLN B 255 12.89 -2.71 0.80
N THR B 256 11.64 -2.52 1.21
CA THR B 256 10.51 -3.16 0.55
C THR B 256 10.14 -2.45 -0.75
N MET B 257 10.54 -1.19 -0.87
CA MET B 257 10.16 -0.39 -2.02
C MET B 257 10.78 -0.88 -3.34
N VAL B 258 11.70 -1.85 -3.27
CA VAL B 258 12.25 -2.41 -4.49
C VAL B 258 11.19 -3.20 -5.28
N TYR B 259 10.07 -3.50 -4.61
CA TYR B 259 8.97 -4.21 -5.23
C TYR B 259 7.80 -3.31 -5.58
N ALA B 260 7.93 -2.02 -5.28
CA ALA B 260 6.78 -1.11 -5.35
C ALA B 260 6.30 -0.89 -6.78
N HIS B 261 7.20 -0.90 -7.75
CA HIS B 261 6.82 -0.63 -9.13
C HIS B 261 5.94 -1.74 -9.71
N PHE B 262 5.82 -2.85 -8.97
CA PHE B 262 4.92 -3.93 -9.39
C PHE B 262 3.48 -3.68 -8.96
N ALA B 263 3.26 -2.68 -8.13
CA ALA B 263 1.90 -2.35 -7.73
C ALA B 263 1.26 -1.45 -8.78
N PRO B 264 0.09 -1.87 -9.29
CA PRO B 264 -0.69 -1.03 -10.20
C PRO B 264 -1.11 0.25 -9.50
N GLU B 265 -1.10 1.36 -10.22
CA GLU B 265 -1.55 2.64 -9.68
C GLU B 265 -2.79 3.11 -10.44
N TYR B 266 -3.93 3.13 -9.76
CA TYR B 266 -5.18 3.58 -10.36
C TYR B 266 -5.55 4.90 -9.70
N LEU B 267 -5.21 6.00 -10.37
CA LEU B 267 -5.39 7.33 -9.81
C LEU B 267 -6.86 7.67 -9.58
N GLN B 268 -7.76 7.01 -10.30
CA GLN B 268 -9.19 7.28 -10.09
C GLN B 268 -9.67 6.74 -8.72
N ASP B 269 -8.78 6.08 -7.98
CA ASP B 269 -9.02 5.78 -6.57
C ASP B 269 -9.30 7.07 -5.79
N ALA B 270 -8.72 8.18 -6.25
CA ALA B 270 -8.97 9.45 -5.59
C ALA B 270 -10.45 9.78 -5.58
N ILE B 271 -11.17 9.35 -6.62
CA ILE B 271 -12.61 9.56 -6.70
C ILE B 271 -13.38 8.60 -5.80
N SER B 272 -13.14 7.30 -5.96
CA SER B 272 -13.98 6.32 -5.30
C SER B 272 -13.70 6.16 -3.81
N LEU B 273 -12.48 6.47 -3.39
CA LEU B 273 -12.10 6.19 -2.01
C LEU B 273 -12.03 7.44 -1.14
N ASN B 274 -12.34 8.61 -1.71
CA ASN B 274 -12.27 9.84 -0.91
C ASN B 274 -13.46 9.90 0.06
N PRO B 275 -13.38 10.76 1.09
CA PRO B 275 -14.42 10.64 2.11
C PRO B 275 -15.79 11.14 1.67
N LEU B 276 -15.90 11.68 0.45
CA LEU B 276 -17.19 12.07 -0.10
C LEU B 276 -17.68 11.05 -1.13
N ARG B 277 -16.93 9.98 -1.26
CA ARG B 277 -17.16 8.96 -2.25
C ARG B 277 -17.34 9.53 -3.67
N GLY B 278 -16.61 10.61 -3.97
CA GLY B 278 -16.63 11.19 -5.30
C GLY B 278 -17.73 12.20 -5.56
N GLY B 279 -18.59 12.44 -4.56
CA GLY B 279 -19.65 13.41 -4.71
C GLY B 279 -19.24 14.73 -4.10
N THR B 280 -20.19 15.63 -3.88
CA THR B 280 -19.87 16.96 -3.38
C THR B 280 -20.48 17.20 -1.99
N GLU B 281 -21.08 16.15 -1.44
CA GLU B 281 -21.95 16.31 -0.29
C GLU B 281 -21.64 15.33 0.83
N ALA B 282 -21.79 15.79 2.05
CA ALA B 282 -21.64 14.93 3.21
C ALA B 282 -22.75 15.27 4.20
N GLU B 283 -23.66 14.32 4.42
CA GLU B 283 -24.74 14.55 5.37
C GLU B 283 -24.40 13.95 6.73
N SER B 284 -24.87 14.59 7.80
CA SER B 284 -24.61 14.12 9.15
C SER B 284 -25.52 12.93 9.52
N VAL B 285 -25.16 12.28 10.62
CA VAL B 285 -25.95 11.20 11.24
C VAL B 285 -27.46 11.42 11.23
#